data_4AZ5
#
_entry.id   4AZ5
#
_cell.length_a   78.540
_cell.length_b   110.050
_cell.length_c   112.200
_cell.angle_alpha   90.00
_cell.angle_beta   90.00
_cell.angle_gamma   90.00
#
_symmetry.space_group_name_H-M   'I 2 2 2'
#
loop_
_entity.id
_entity.type
_entity.pdbx_description
1 polymer BETA-N-ACETYLHEXOSAMINIDASE
2 non-polymer (2S,3aR,5R,6S,7R,7aR)-5-(hydroxymethyl)-2-methyl-2,3a,5,6,7,7a-hexahydro-1H-pyrano[3,2-d][1,3]thiazole-6,7-diol
3 non-polymer 'MAGNESIUM ION'
4 non-polymer 2-{2-[2-(2-{2-[2-(2-ETHOXY-ETHOXY)-ETHOXY]-ETHOXY}-ETHOXY)-ETHOXY]-ETHOXY}-ETHANOL
5 non-polymer 1,2-ETHANEDIOL
6 water water
#
_entity_poly.entity_id   1
_entity_poly.type   'polypeptide(L)'
_entity_poly.pdbx_seq_one_letter_code
;NEKLAKKKIVSIDAGRKYFSPEQLKEIIDKAKHYGYTDLHLLVGNDGLRFMLDDMSITANGKTYASDDVKRAIEKGTNDY
YNDPNGNHLTESQMTDLINYAKDKGIGLIPTVNSPGHMDAILNAMKELGIQNPNFSYFGKKSARTVDLDNEQAVAFTKAL
IDKYAAYFAKKTEIFNIGLDEYANDATDAKGWSVLQADKYYPNEGYPVKGYEKFIAYANDLARIVKSHGLKPMAFNDGIY
YNSDTSFGSFDKDIIVSMWTGGWGGYDVASSKLLAEKGHQILNTNDAWYYVLGRNADGQGWYNLDQGLNGIKNTPITSVP
KTEGADIPIIGGMVAAWADTPSARYSPSRLFKLMRHFANANAEYFAADYESAEQALNEVPKDLNRYTAESVTAVKEAEKA
IRSLDSNLSRAQQDTIDQAIAKLQETVNNLTLTP
;
_entity_poly.pdbx_strand_id   A
#
loop_
_chem_comp.id
_chem_comp.type
_chem_comp.name
_chem_comp.formula
EDO non-polymer 1,2-ETHANEDIOL 'C2 H6 O2'
MG non-polymer 'MAGNESIUM ION' 'Mg 2'
NGW non-polymer (2S,3aR,5R,6S,7R,7aR)-5-(hydroxymethyl)-2-methyl-2,3a,5,6,7,7a-hexahydro-1H-pyrano[3,2-d][1,3]thiazole-6,7-diol 'C8 H15 N O4 S'
PE4 non-polymer 2-{2-[2-(2-{2-[2-(2-ETHOXY-ETHOXY)-ETHOXY]-ETHOXY}-ETHOXY)-ETHOXY]-ETHOXY}-ETHANOL 'C16 H34 O8'
#
# COMPACT_ATOMS: atom_id res chain seq x y z
N ASN A 1 -12.83 4.35 20.27
CA ASN A 1 -11.95 5.37 19.62
C ASN A 1 -10.60 4.82 19.12
N GLU A 2 -9.94 3.99 19.93
CA GLU A 2 -8.63 3.46 19.55
C GLU A 2 -8.65 2.52 18.35
N LYS A 3 -9.71 1.72 18.25
CA LYS A 3 -9.83 0.80 17.12
C LYS A 3 -10.11 1.54 15.82
N LEU A 4 -11.06 2.47 15.88
CA LEU A 4 -11.41 3.21 14.68
C LEU A 4 -10.32 4.17 14.22
N ALA A 5 -9.45 4.59 15.13
CA ALA A 5 -8.37 5.52 14.80
C ALA A 5 -7.29 4.85 13.96
N LYS A 6 -7.28 3.52 13.91
CA LYS A 6 -6.26 2.77 13.17
C LYS A 6 -6.43 3.02 11.68
N LYS A 7 -5.35 2.87 10.92
N LYS A 7 -5.35 2.87 10.92
CA LYS A 7 -5.46 2.89 9.47
CA LYS A 7 -5.47 2.88 9.48
C LYS A 7 -5.98 1.53 9.01
C LYS A 7 -6.00 1.52 9.01
N LYS A 8 -6.88 1.51 8.03
CA LYS A 8 -7.30 0.25 7.39
C LYS A 8 -7.04 0.47 5.91
N ILE A 9 -6.15 -0.35 5.34
CA ILE A 9 -5.58 -0.05 4.01
C ILE A 9 -5.80 -1.24 3.09
N VAL A 10 -6.13 -0.95 1.84
CA VAL A 10 -6.08 -1.96 0.81
C VAL A 10 -4.87 -1.65 -0.07
N SER A 11 -4.08 -2.69 -0.36
N SER A 11 -4.07 -2.68 -0.35
CA SER A 11 -2.93 -2.55 -1.25
CA SER A 11 -2.89 -2.54 -1.22
C SER A 11 -3.17 -3.15 -2.61
C SER A 11 -3.12 -3.15 -2.59
N ILE A 12 -2.71 -2.42 -3.62
CA ILE A 12 -2.87 -2.82 -5.02
C ILE A 12 -1.52 -2.75 -5.74
N ASP A 13 -1.10 -3.89 -6.29
CA ASP A 13 0.14 -3.96 -7.05
C ASP A 13 -0.08 -3.44 -8.48
N ALA A 14 -0.01 -2.11 -8.62
CA ALA A 14 -0.02 -1.46 -9.95
C ALA A 14 1.42 -1.14 -10.42
N GLY A 15 2.39 -1.91 -9.92
CA GLY A 15 3.76 -1.89 -10.47
C GLY A 15 3.91 -2.97 -11.54
N ARG A 16 3.55 -4.20 -11.18
CA ARG A 16 3.69 -5.29 -12.13
C ARG A 16 2.65 -5.21 -13.25
N LYS A 17 1.46 -4.71 -12.90
CA LYS A 17 0.30 -4.75 -13.77
C LYS A 17 -0.34 -3.38 -13.86
N TYR A 18 -0.76 -3.01 -15.07
CA TYR A 18 -1.50 -1.76 -15.27
C TYR A 18 -2.89 -1.78 -14.65
N PHE A 19 -3.26 -0.69 -13.97
CA PHE A 19 -4.62 -0.42 -13.52
C PHE A 19 -5.01 0.95 -14.04
N SER A 20 -6.19 1.07 -14.63
CA SER A 20 -6.60 2.37 -15.17
C SER A 20 -7.11 3.31 -14.08
N PRO A 21 -7.18 4.63 -14.35
CA PRO A 21 -7.79 5.53 -13.36
C PRO A 21 -9.19 5.10 -12.98
N GLU A 22 -9.96 4.63 -13.96
N GLU A 22 -9.99 4.63 -13.96
CA GLU A 22 -11.32 4.18 -13.76
CA GLU A 22 -11.35 4.19 -13.69
C GLU A 22 -11.39 3.01 -12.76
C GLU A 22 -11.39 3.01 -12.72
N GLN A 23 -10.54 2.01 -12.97
CA GLN A 23 -10.46 0.85 -12.09
C GLN A 23 -10.05 1.25 -10.69
N LEU A 24 -9.07 2.14 -10.60
CA LEU A 24 -8.58 2.58 -9.27
C LEU A 24 -9.63 3.41 -8.53
N LYS A 25 -10.40 4.19 -9.28
CA LYS A 25 -11.49 4.91 -8.66
C LYS A 25 -12.57 3.98 -8.08
N GLU A 26 -12.89 2.90 -8.79
N GLU A 26 -12.89 2.91 -8.81
CA GLU A 26 -13.82 1.91 -8.28
CA GLU A 26 -13.84 1.90 -8.32
C GLU A 26 -13.30 1.28 -6.98
C GLU A 26 -13.32 1.20 -7.04
N ILE A 27 -12.00 0.99 -6.95
CA ILE A 27 -11.39 0.43 -5.74
C ILE A 27 -11.51 1.43 -4.60
N ILE A 28 -11.21 2.70 -4.88
CA ILE A 28 -11.40 3.76 -3.86
C ILE A 28 -12.85 3.83 -3.33
N ASP A 29 -13.81 3.71 -4.25
CA ASP A 29 -15.22 3.76 -3.87
C ASP A 29 -15.58 2.60 -2.93
N LYS A 30 -15.09 1.41 -3.22
CA LYS A 30 -15.35 0.26 -2.34
C LYS A 30 -14.63 0.42 -1.01
N ALA A 31 -13.41 0.94 -1.08
CA ALA A 31 -12.64 1.20 0.14
C ALA A 31 -13.43 2.10 1.07
N LYS A 32 -13.96 3.20 0.51
CA LYS A 32 -14.71 4.13 1.32
C LYS A 32 -15.97 3.43 1.89
N HIS A 33 -16.67 2.70 1.03
CA HIS A 33 -17.88 2.02 1.41
C HIS A 33 -17.65 1.05 2.57
N TYR A 34 -16.56 0.29 2.52
CA TYR A 34 -16.29 -0.72 3.53
C TYR A 34 -15.63 -0.18 4.80
N GLY A 35 -15.30 1.12 4.83
CA GLY A 35 -14.74 1.72 6.04
C GLY A 35 -13.22 1.78 6.15
N TYR A 36 -12.54 1.64 5.02
CA TYR A 36 -11.08 1.80 4.95
C TYR A 36 -10.70 3.27 5.08
N THR A 37 -9.42 3.53 5.31
CA THR A 37 -8.88 4.89 5.37
C THR A 37 -7.91 5.22 4.22
N ASP A 38 -7.31 4.21 3.61
CA ASP A 38 -6.23 4.46 2.65
C ASP A 38 -6.17 3.43 1.54
N LEU A 39 -5.69 3.87 0.39
CA LEU A 39 -5.29 3.02 -0.72
C LEU A 39 -3.77 3.03 -0.81
N HIS A 40 -3.16 1.86 -0.73
CA HIS A 40 -1.72 1.73 -0.85
C HIS A 40 -1.43 1.24 -2.29
N LEU A 41 -0.93 2.14 -3.12
CA LEU A 41 -0.77 1.86 -4.55
C LEU A 41 0.69 1.69 -4.89
N LEU A 42 1.12 0.45 -5.15
CA LEU A 42 2.48 0.27 -5.64
C LEU A 42 2.49 0.73 -7.09
N VAL A 43 3.41 1.63 -7.44
CA VAL A 43 3.57 2.02 -8.85
C VAL A 43 4.95 1.62 -9.41
N GLY A 44 5.95 1.44 -8.54
CA GLY A 44 7.23 0.84 -8.93
C GLY A 44 7.29 -0.43 -8.14
N ASN A 45 7.17 -1.56 -8.84
CA ASN A 45 7.24 -2.87 -8.20
C ASN A 45 7.40 -3.86 -9.36
N ASP A 46 8.68 -4.16 -9.63
CA ASP A 46 9.15 -4.79 -10.87
C ASP A 46 8.91 -3.83 -12.05
N GLY A 47 7.65 -3.69 -12.52
CA GLY A 47 7.37 -2.61 -13.47
C GLY A 47 7.37 -1.25 -12.80
N LEU A 48 7.55 -0.19 -13.58
CA LEU A 48 7.35 1.17 -13.11
C LEU A 48 6.27 1.84 -13.98
N ARG A 49 5.12 2.17 -13.37
CA ARG A 49 3.89 2.53 -14.09
C ARG A 49 3.32 3.85 -13.61
N PHE A 50 4.20 4.81 -13.40
CA PHE A 50 3.80 6.17 -13.10
C PHE A 50 4.85 7.13 -13.61
N MET A 51 4.41 8.01 -14.51
CA MET A 51 5.33 8.95 -15.19
C MET A 51 5.03 10.39 -14.84
N LEU A 52 6.01 11.09 -14.27
CA LEU A 52 5.88 12.54 -14.02
C LEU A 52 5.97 13.31 -15.34
N ASP A 53 5.46 14.55 -15.37
CA ASP A 53 5.59 15.38 -16.57
C ASP A 53 7.06 15.73 -16.87
N ASP A 54 7.82 16.04 -15.84
CA ASP A 54 9.26 16.22 -15.95
C ASP A 54 9.96 15.04 -15.27
N MET A 55 10.54 14.15 -16.07
CA MET A 55 11.31 13.00 -15.58
C MET A 55 12.83 13.18 -15.70
N SER A 56 13.30 14.41 -15.96
CA SER A 56 14.74 14.62 -16.06
C SER A 56 15.44 14.28 -14.74
N ILE A 57 16.58 13.59 -14.83
CA ILE A 57 17.29 13.16 -13.63
C ILE A 57 18.70 13.69 -13.66
N THR A 58 19.10 14.36 -12.59
CA THR A 58 20.47 14.82 -12.47
C THR A 58 21.22 13.94 -11.47
N ALA A 59 22.19 13.19 -11.97
CA ALA A 59 23.05 12.33 -11.18
C ALA A 59 24.29 12.12 -12.02
N ASN A 60 25.37 11.65 -11.42
CA ASN A 60 26.54 11.19 -12.19
C ASN A 60 27.24 12.30 -13.01
N GLY A 61 27.18 13.54 -12.49
CA GLY A 61 27.75 14.74 -13.14
C GLY A 61 27.01 15.22 -14.39
N LYS A 62 25.82 14.69 -14.62
N LYS A 62 25.82 14.69 -14.63
CA LYS A 62 25.05 15.03 -15.82
CA LYS A 62 25.06 15.02 -15.83
C LYS A 62 23.56 15.02 -15.55
C LYS A 62 23.55 15.02 -15.55
N THR A 63 22.78 15.31 -16.59
CA THR A 63 21.36 15.23 -16.52
C THR A 63 20.95 14.27 -17.64
N TYR A 64 20.11 13.30 -17.29
CA TYR A 64 19.43 12.45 -18.28
C TYR A 64 18.14 13.16 -18.61
N ALA A 65 17.97 13.49 -19.90
CA ALA A 65 16.83 14.28 -20.38
C ALA A 65 15.49 13.62 -20.07
N SER A 66 14.48 14.44 -19.77
CA SER A 66 13.15 13.94 -19.42
C SER A 66 12.59 12.95 -20.43
N ASP A 67 12.63 13.31 -21.71
CA ASP A 67 12.06 12.44 -22.72
C ASP A 67 12.82 11.11 -22.87
N ASP A 68 14.14 11.14 -22.61
CA ASP A 68 14.95 9.92 -22.68
C ASP A 68 14.63 9.03 -21.48
N VAL A 69 14.47 9.66 -20.32
CA VAL A 69 14.10 8.92 -19.11
C VAL A 69 12.73 8.28 -19.29
N LYS A 70 11.77 9.04 -19.83
CA LYS A 70 10.45 8.49 -20.08
C LYS A 70 10.50 7.30 -21.05
N ARG A 71 11.24 7.47 -22.15
CA ARG A 71 11.34 6.40 -23.15
C ARG A 71 11.99 5.15 -22.53
N ALA A 72 13.05 5.38 -21.76
CA ALA A 72 13.79 4.32 -21.08
C ALA A 72 12.87 3.57 -20.11
N ILE A 73 12.08 4.31 -19.33
CA ILE A 73 11.19 3.67 -18.36
C ILE A 73 10.03 2.91 -19.05
N GLU A 74 9.40 3.52 -20.03
N GLU A 74 9.40 3.52 -20.05
CA GLU A 74 8.31 2.84 -20.75
CA GLU A 74 8.31 2.84 -20.75
C GLU A 74 8.81 1.52 -21.34
C GLU A 74 8.81 1.52 -21.35
N LYS A 75 9.98 1.59 -21.99
CA LYS A 75 10.60 0.43 -22.61
C LYS A 75 11.00 -0.63 -21.58
N GLY A 76 11.60 -0.16 -20.48
CA GLY A 76 12.05 -1.04 -19.41
C GLY A 76 10.90 -1.74 -18.74
N THR A 77 9.79 -1.03 -18.56
CA THR A 77 8.58 -1.65 -18.00
C THR A 77 8.03 -2.73 -18.94
N ASN A 78 7.98 -2.40 -20.24
CA ASN A 78 7.50 -3.34 -21.25
C ASN A 78 8.37 -4.60 -21.32
N ASP A 79 9.67 -4.43 -21.11
N ASP A 79 9.68 -4.44 -21.11
CA ASP A 79 10.62 -5.54 -21.07
CA ASP A 79 10.57 -5.60 -21.10
C ASP A 79 10.31 -6.48 -19.90
C ASP A 79 10.31 -6.51 -19.90
N TYR A 80 9.85 -5.92 -18.79
CA TYR A 80 9.34 -6.71 -17.67
C TYR A 80 7.99 -7.38 -18.03
N TYR A 81 6.99 -6.58 -18.39
CA TYR A 81 5.68 -7.09 -18.86
C TYR A 81 5.00 -6.04 -19.72
N ASN A 82 4.77 -6.39 -20.98
CA ASN A 82 4.12 -5.43 -21.86
C ASN A 82 2.62 -5.62 -21.78
N ASP A 83 2.00 -4.84 -20.91
CA ASP A 83 0.61 -5.02 -20.57
C ASP A 83 -0.31 -4.45 -21.67
N PRO A 84 -1.14 -5.31 -22.29
CA PRO A 84 -2.04 -4.76 -23.34
C PRO A 84 -3.03 -3.70 -22.85
N ASN A 85 -3.29 -3.66 -21.53
CA ASN A 85 -4.24 -2.69 -20.97
C ASN A 85 -3.69 -1.28 -20.86
N GLY A 86 -2.37 -1.15 -20.82
CA GLY A 86 -1.72 0.15 -20.70
C GLY A 86 -0.33 0.01 -20.10
N ASN A 87 0.42 1.11 -20.08
CA ASN A 87 1.82 1.08 -19.61
C ASN A 87 1.98 1.84 -18.29
N HIS A 88 1.47 3.09 -18.22
CA HIS A 88 1.65 3.90 -17.00
C HIS A 88 0.54 4.93 -16.83
N LEU A 89 0.33 5.32 -15.57
CA LEU A 89 -0.44 6.49 -15.21
C LEU A 89 0.42 7.73 -15.41
N THR A 90 -0.23 8.82 -15.86
CA THR A 90 0.44 10.09 -16.08
C THR A 90 0.31 10.93 -14.80
N GLU A 91 1.01 12.06 -14.79
CA GLU A 91 0.96 12.94 -13.64
C GLU A 91 -0.46 13.50 -13.44
N SER A 92 -1.11 13.92 -14.53
CA SER A 92 -2.45 14.44 -14.42
C SER A 92 -3.40 13.39 -13.86
N GLN A 93 -3.24 12.14 -14.28
CA GLN A 93 -4.14 11.08 -13.80
C GLN A 93 -3.94 10.81 -12.34
N MET A 94 -2.67 10.83 -11.92
CA MET A 94 -2.36 10.58 -10.50
C MET A 94 -2.88 11.73 -9.63
N THR A 95 -2.66 12.97 -10.06
CA THR A 95 -3.15 14.13 -9.28
C THR A 95 -4.67 14.04 -9.11
N ASP A 96 -5.37 13.73 -10.20
CA ASP A 96 -6.81 13.59 -10.17
C ASP A 96 -7.23 12.42 -9.26
N LEU A 97 -6.52 11.30 -9.35
CA LEU A 97 -6.84 10.16 -8.49
C LEU A 97 -6.69 10.47 -7.01
N ILE A 98 -5.59 11.13 -6.67
CA ILE A 98 -5.34 11.47 -5.26
C ILE A 98 -6.41 12.45 -4.74
N ASN A 99 -6.78 13.41 -5.58
N ASN A 99 -6.79 13.41 -5.58
CA ASN A 99 -7.87 14.35 -5.29
CA ASN A 99 -7.87 14.33 -5.23
C ASN A 99 -9.21 13.63 -5.09
C ASN A 99 -9.22 13.61 -5.06
N TYR A 100 -9.53 12.73 -6.01
CA TYR A 100 -10.75 11.91 -5.96
C TYR A 100 -10.81 11.17 -4.62
N ALA A 101 -9.71 10.51 -4.26
CA ALA A 101 -9.64 9.80 -2.98
C ALA A 101 -9.75 10.75 -1.79
N LYS A 102 -9.05 11.88 -1.84
N LYS A 102 -9.04 11.88 -1.84
CA LYS A 102 -9.07 12.82 -0.70
CA LYS A 102 -9.09 12.85 -0.74
C LYS A 102 -10.49 13.35 -0.43
C LYS A 102 -10.53 13.26 -0.44
N ASP A 103 -11.26 13.61 -1.50
CA ASP A 103 -12.66 14.05 -1.35
C ASP A 103 -13.52 12.97 -0.67
N LYS A 104 -13.13 11.70 -0.79
CA LYS A 104 -13.82 10.61 -0.11
C LYS A 104 -13.23 10.24 1.26
N GLY A 105 -12.27 11.03 1.75
CA GLY A 105 -11.60 10.74 3.04
C GLY A 105 -10.66 9.54 2.97
N ILE A 106 -10.16 9.26 1.77
CA ILE A 106 -9.24 8.14 1.54
C ILE A 106 -7.85 8.68 1.18
N GLY A 107 -6.83 8.29 1.95
CA GLY A 107 -5.46 8.69 1.61
C GLY A 107 -4.88 7.77 0.54
N LEU A 108 -3.79 8.21 -0.08
CA LEU A 108 -3.04 7.33 -1.01
C LEU A 108 -1.58 7.24 -0.56
N ILE A 109 -1.06 6.01 -0.50
CA ILE A 109 0.34 5.79 -0.12
C ILE A 109 0.99 5.08 -1.31
N PRO A 110 1.92 5.74 -2.00
CA PRO A 110 2.61 5.10 -3.12
C PRO A 110 3.77 4.22 -2.64
N THR A 111 4.13 3.22 -3.46
CA THR A 111 5.41 2.52 -3.35
C THR A 111 6.17 2.69 -4.67
N VAL A 112 7.44 3.09 -4.57
CA VAL A 112 8.38 2.94 -5.68
C VAL A 112 9.52 2.07 -5.11
N ASN A 113 9.51 0.80 -5.47
CA ASN A 113 10.39 -0.17 -4.82
C ASN A 113 11.85 -0.08 -5.30
N SER A 114 12.76 -0.25 -4.33
CA SER A 114 14.18 -0.46 -4.55
C SER A 114 14.72 -0.97 -3.19
N PRO A 115 15.94 -1.53 -3.15
CA PRO A 115 16.84 -1.85 -4.25
C PRO A 115 16.48 -3.16 -4.94
N GLY A 116 15.50 -3.88 -4.40
CA GLY A 116 14.89 -5.06 -5.08
C GLY A 116 13.66 -4.65 -5.91
N HIS A 117 13.02 -5.64 -6.57
CA HIS A 117 11.78 -5.40 -7.32
C HIS A 117 11.85 -4.11 -8.15
N MET A 118 12.94 -3.94 -8.87
CA MET A 118 13.13 -2.71 -9.64
C MET A 118 13.60 -3.00 -11.06
N ASP A 119 13.08 -4.10 -11.60
CA ASP A 119 13.41 -4.56 -12.96
C ASP A 119 13.41 -3.41 -13.99
N ALA A 120 12.34 -2.61 -13.96
CA ALA A 120 12.11 -1.60 -15.00
C ALA A 120 13.07 -0.45 -14.85
N ILE A 121 13.38 -0.06 -13.61
CA ILE A 121 14.38 0.99 -13.35
C ILE A 121 15.77 0.51 -13.81
N LEU A 122 16.11 -0.75 -13.53
CA LEU A 122 17.39 -1.31 -13.99
C LEU A 122 17.44 -1.26 -15.52
N ASN A 123 16.37 -1.71 -16.16
CA ASN A 123 16.31 -1.68 -17.62
C ASN A 123 16.47 -0.27 -18.14
N ALA A 124 15.78 0.66 -17.50
CA ALA A 124 15.82 2.06 -17.90
C ALA A 124 17.22 2.63 -17.77
N MET A 125 17.91 2.33 -16.67
CA MET A 125 19.30 2.80 -16.52
C MET A 125 20.20 2.28 -17.64
N LYS A 126 20.05 1.00 -17.98
CA LYS A 126 20.80 0.44 -19.12
C LYS A 126 20.46 1.14 -20.45
N GLU A 127 19.18 1.47 -20.68
CA GLU A 127 18.80 2.22 -21.88
C GLU A 127 19.42 3.61 -21.91
N LEU A 128 19.66 4.19 -20.74
CA LEU A 128 20.26 5.52 -20.70
C LEU A 128 21.77 5.41 -20.86
N GLY A 129 22.29 4.19 -20.66
CA GLY A 129 23.72 3.90 -20.87
C GLY A 129 24.54 3.68 -19.61
N ILE A 130 23.87 3.63 -18.45
CA ILE A 130 24.55 3.31 -17.19
C ILE A 130 24.99 1.85 -17.28
N GLN A 131 26.23 1.60 -16.86
N GLN A 131 26.24 1.59 -16.91
CA GLN A 131 26.86 0.28 -17.01
CA GLN A 131 26.83 0.26 -17.05
C GLN A 131 26.61 -0.62 -15.82
C GLN A 131 26.58 -0.61 -15.84
N ASN A 132 26.34 -1.89 -16.10
CA ASN A 132 26.21 -2.95 -15.07
C ASN A 132 25.48 -2.56 -13.79
N PRO A 133 24.26 -2.00 -13.92
CA PRO A 133 23.58 -1.64 -12.67
C PRO A 133 23.11 -2.85 -11.83
N ASN A 134 22.90 -4.02 -12.45
CA ASN A 134 22.31 -5.19 -11.75
C ASN A 134 23.31 -5.84 -10.78
N PHE A 135 22.81 -6.26 -9.62
CA PHE A 135 23.54 -7.18 -8.72
C PHE A 135 23.67 -8.59 -9.30
N SER A 136 24.87 -9.18 -9.16
CA SER A 136 25.14 -10.57 -9.55
C SER A 136 25.66 -11.38 -8.37
N TYR A 137 25.40 -12.68 -8.39
CA TYR A 137 25.84 -13.56 -7.31
C TYR A 137 26.42 -14.83 -7.95
N PHE A 138 27.74 -14.92 -7.94
CA PHE A 138 28.48 -16.04 -8.53
C PHE A 138 27.96 -16.37 -9.93
N GLY A 139 28.04 -15.35 -10.79
CA GLY A 139 27.59 -15.42 -12.19
C GLY A 139 26.09 -15.54 -12.48
N LYS A 140 25.23 -15.41 -11.46
CA LYS A 140 23.80 -15.33 -11.69
C LYS A 140 23.39 -13.88 -11.52
N LYS A 141 22.92 -13.25 -12.59
CA LYS A 141 22.55 -11.82 -12.55
C LYS A 141 21.10 -11.66 -12.15
N SER A 142 20.83 -10.80 -11.15
CA SER A 142 19.45 -10.52 -10.76
C SER A 142 18.80 -9.64 -11.82
N ALA A 143 17.55 -9.93 -12.17
CA ALA A 143 16.76 -9.09 -13.09
C ALA A 143 16.11 -7.96 -12.31
N ARG A 144 16.11 -8.07 -10.98
CA ARG A 144 15.24 -7.19 -10.16
C ARG A 144 15.97 -6.23 -9.23
N THR A 145 17.27 -6.47 -9.01
CA THR A 145 18.00 -5.84 -7.89
C THR A 145 19.24 -5.11 -8.31
N VAL A 146 19.32 -3.85 -7.89
CA VAL A 146 20.52 -3.01 -8.13
C VAL A 146 21.70 -3.43 -7.22
N ASP A 147 22.90 -3.27 -7.77
CA ASP A 147 24.17 -3.53 -7.08
C ASP A 147 24.55 -2.28 -6.30
N LEU A 148 24.59 -2.38 -4.97
CA LEU A 148 24.86 -1.22 -4.12
C LEU A 148 26.32 -0.72 -4.21
N ASP A 149 27.18 -1.50 -4.86
CA ASP A 149 28.56 -1.08 -5.16
C ASP A 149 28.63 -0.19 -6.40
N ASN A 150 27.57 -0.12 -7.20
CA ASN A 150 27.56 0.67 -8.42
C ASN A 150 27.11 2.08 -8.09
N GLU A 151 28.07 3.00 -7.91
N GLU A 151 28.07 2.98 -7.94
CA GLU A 151 27.73 4.34 -7.45
CA GLU A 151 27.83 4.35 -7.50
C GLU A 151 26.79 5.09 -8.39
C GLU A 151 26.85 5.11 -8.39
N GLN A 152 26.98 4.89 -9.70
CA GLN A 152 26.20 5.60 -10.70
C GLN A 152 24.74 5.09 -10.71
N ALA A 153 24.58 3.78 -10.53
CA ALA A 153 23.22 3.19 -10.47
C ALA A 153 22.51 3.63 -9.20
N VAL A 154 23.24 3.64 -8.10
CA VAL A 154 22.65 4.00 -6.83
C VAL A 154 22.31 5.49 -6.87
N ALA A 155 23.18 6.32 -7.43
CA ALA A 155 22.92 7.76 -7.48
C ALA A 155 21.69 8.05 -8.33
N PHE A 156 21.58 7.36 -9.45
CA PHE A 156 20.41 7.56 -10.33
C PHE A 156 19.12 7.16 -9.60
N THR A 157 19.15 5.99 -8.93
CA THR A 157 17.95 5.51 -8.18
C THR A 157 17.54 6.48 -7.08
N LYS A 158 18.48 6.96 -6.29
CA LYS A 158 18.15 7.94 -5.23
C LYS A 158 17.53 9.22 -5.79
N ALA A 159 18.09 9.73 -6.90
CA ALA A 159 17.54 10.93 -7.55
C ALA A 159 16.14 10.66 -8.10
N LEU A 160 15.90 9.45 -8.63
CA LEU A 160 14.55 9.09 -9.07
C LEU A 160 13.57 9.10 -7.88
N ILE A 161 13.95 8.49 -6.74
CA ILE A 161 13.08 8.52 -5.55
C ILE A 161 12.86 9.96 -5.08
N ASP A 162 13.91 10.78 -5.12
CA ASP A 162 13.79 12.20 -4.73
C ASP A 162 12.75 12.91 -5.62
N LYS A 163 12.75 12.59 -6.92
CA LYS A 163 11.85 13.20 -7.90
C LYS A 163 10.39 12.78 -7.60
N TYR A 164 10.17 11.49 -7.35
CA TYR A 164 8.84 11.02 -6.97
C TYR A 164 8.38 11.56 -5.62
N ALA A 165 9.28 11.54 -4.62
CA ALA A 165 8.90 12.04 -3.27
C ALA A 165 8.50 13.51 -3.32
N ALA A 166 9.20 14.29 -4.15
CA ALA A 166 8.84 15.69 -4.35
C ALA A 166 7.45 15.83 -4.91
N TYR A 167 7.08 14.96 -5.86
CA TYR A 167 5.72 15.02 -6.41
C TYR A 167 4.67 14.69 -5.34
N PHE A 168 4.91 13.63 -4.56
CA PHE A 168 3.92 13.17 -3.57
C PHE A 168 3.83 14.04 -2.33
N ALA A 169 4.83 14.88 -2.14
CA ALA A 169 4.89 15.78 -0.97
C ALA A 169 3.59 16.58 -0.89
N LYS A 170 3.08 16.71 0.33
CA LYS A 170 1.90 17.53 0.66
C LYS A 170 0.55 16.98 0.20
N LYS A 171 0.54 16.10 -0.79
CA LYS A 171 -0.73 15.49 -1.19
C LYS A 171 -0.88 14.07 -0.64
N THR A 172 0.16 13.58 0.04
CA THR A 172 0.12 12.26 0.69
C THR A 172 0.93 12.41 2.00
N GLU A 173 0.97 11.34 2.79
CA GLU A 173 1.61 11.39 4.10
C GLU A 173 2.72 10.37 4.28
N ILE A 174 2.59 9.21 3.63
CA ILE A 174 3.58 8.14 3.75
C ILE A 174 4.08 7.75 2.35
N PHE A 175 5.37 7.46 2.23
CA PHE A 175 5.97 6.97 0.98
C PHE A 175 6.70 5.66 1.33
N ASN A 176 6.30 4.60 0.64
CA ASN A 176 6.85 3.27 0.88
C ASN A 176 8.02 3.09 -0.08
N ILE A 177 9.22 3.04 0.50
CA ILE A 177 10.46 2.76 -0.27
C ILE A 177 10.73 1.29 -0.51
N GLY A 178 9.91 0.43 0.06
CA GLY A 178 9.93 -1.01 -0.27
C GLY A 178 10.95 -1.81 0.51
N LEU A 179 12.12 -2.02 -0.09
CA LEU A 179 13.26 -2.72 0.50
C LEU A 179 13.08 -4.23 0.66
N ASP A 180 11.99 -4.82 0.12
CA ASP A 180 11.77 -6.25 0.32
C ASP A 180 12.59 -7.10 -0.61
N GLU A 181 12.93 -8.30 -0.12
CA GLU A 181 13.39 -9.42 -0.96
C GLU A 181 14.60 -9.12 -1.85
N TYR A 182 15.70 -8.64 -1.26
CA TYR A 182 16.92 -8.36 -2.02
C TYR A 182 17.38 -9.56 -2.88
N ALA A 183 17.54 -9.32 -4.18
CA ALA A 183 18.12 -10.31 -5.09
C ALA A 183 17.52 -11.71 -4.90
N ASN A 184 16.20 -11.77 -4.76
CA ASN A 184 15.55 -13.05 -4.52
C ASN A 184 15.69 -14.07 -5.66
N ASP A 185 15.79 -13.55 -6.89
CA ASP A 185 16.04 -14.41 -8.04
C ASP A 185 17.47 -14.95 -8.08
N ALA A 186 18.45 -14.07 -7.97
CA ALA A 186 19.85 -14.46 -8.13
C ALA A 186 20.39 -15.33 -7.00
N THR A 187 19.77 -15.25 -5.82
CA THR A 187 20.28 -15.97 -4.64
C THR A 187 19.33 -17.07 -4.14
N ASP A 188 18.29 -17.36 -4.92
N ASP A 188 18.29 -17.36 -4.93
CA ASP A 188 17.26 -18.31 -4.52
CA ASP A 188 17.23 -18.28 -4.55
C ASP A 188 16.63 -17.95 -3.17
C ASP A 188 16.64 -17.93 -3.18
N ALA A 189 16.26 -16.67 -3.02
CA ALA A 189 15.60 -16.18 -1.80
C ALA A 189 16.47 -16.27 -0.55
N LYS A 190 17.76 -15.96 -0.74
CA LYS A 190 18.76 -15.91 0.35
C LYS A 190 19.55 -14.61 0.32
N GLY A 191 18.94 -13.55 -0.22
CA GLY A 191 19.70 -12.32 -0.45
C GLY A 191 20.20 -11.61 0.78
N TRP A 192 19.42 -11.62 1.87
CA TRP A 192 19.88 -10.93 3.09
C TRP A 192 21.08 -11.66 3.71
N SER A 193 20.99 -12.99 3.75
N SER A 193 21.01 -12.99 3.73
N SER A 193 20.99 -12.98 3.74
CA SER A 193 22.07 -13.85 4.18
CA SER A 193 22.10 -13.81 4.23
CA SER A 193 22.08 -13.80 4.23
C SER A 193 23.34 -13.53 3.40
C SER A 193 23.36 -13.63 3.38
C SER A 193 23.35 -13.57 3.40
N VAL A 194 23.20 -13.42 2.08
CA VAL A 194 24.31 -13.15 1.19
C VAL A 194 24.93 -11.79 1.53
N LEU A 195 24.08 -10.77 1.74
CA LEU A 195 24.63 -9.43 2.09
C LEU A 195 25.39 -9.41 3.43
N GLN A 196 24.98 -10.25 4.37
CA GLN A 196 25.58 -10.32 5.70
C GLN A 196 26.78 -11.25 5.75
N ALA A 197 26.91 -12.13 4.75
CA ALA A 197 27.81 -13.30 4.84
C ALA A 197 29.29 -12.96 5.01
N ASP A 198 29.78 -11.98 4.27
CA ASP A 198 31.23 -11.69 4.25
C ASP A 198 31.76 -11.29 5.63
N LYS A 199 30.94 -10.60 6.42
CA LYS A 199 31.35 -10.26 7.78
C LYS A 199 31.77 -11.50 8.57
N TYR A 200 31.05 -12.61 8.37
CA TYR A 200 31.22 -13.82 9.17
C TYR A 200 31.95 -14.95 8.44
N TYR A 201 31.99 -14.87 7.11
CA TYR A 201 32.63 -15.89 6.29
C TYR A 201 33.50 -15.19 5.26
N PRO A 202 34.55 -14.51 5.73
CA PRO A 202 35.37 -13.76 4.82
C PRO A 202 36.15 -14.66 3.83
N ASN A 203 36.73 -14.02 2.82
CA ASN A 203 37.53 -14.72 1.80
C ASN A 203 36.82 -15.88 1.07
N GLU A 204 35.51 -15.76 0.91
CA GLU A 204 34.71 -16.77 0.23
C GLU A 204 33.95 -16.17 -0.96
N GLY A 205 34.24 -14.90 -1.25
CA GLY A 205 33.63 -14.23 -2.41
C GLY A 205 32.28 -13.55 -2.16
N TYR A 206 31.85 -13.48 -0.89
CA TYR A 206 30.58 -12.81 -0.59
C TYR A 206 30.75 -11.30 -0.70
N PRO A 207 29.67 -10.54 -1.01
CA PRO A 207 29.83 -9.10 -1.27
C PRO A 207 30.34 -8.29 -0.06
N VAL A 208 31.45 -7.59 -0.23
CA VAL A 208 32.09 -6.93 0.90
C VAL A 208 31.26 -5.73 1.36
N LYS A 209 30.99 -5.70 2.66
CA LYS A 209 30.16 -4.69 3.33
C LYS A 209 28.74 -4.62 2.75
N GLY A 210 28.26 -5.77 2.26
CA GLY A 210 26.96 -5.84 1.58
C GLY A 210 25.82 -5.26 2.40
N TYR A 211 25.62 -5.80 3.60
CA TYR A 211 24.51 -5.40 4.43
C TYR A 211 24.70 -3.99 5.02
N GLU A 212 25.96 -3.66 5.38
CA GLU A 212 26.29 -2.30 5.81
C GLU A 212 25.89 -1.24 4.76
N LYS A 213 26.18 -1.53 3.49
N LYS A 213 26.18 -1.53 3.49
CA LYS A 213 25.80 -0.64 2.39
CA LYS A 213 25.79 -0.64 2.39
C LYS A 213 24.28 -0.58 2.25
C LYS A 213 24.27 -0.57 2.27
N PHE A 214 23.61 -1.71 2.50
CA PHE A 214 22.15 -1.74 2.43
C PHE A 214 21.53 -0.83 3.48
N ILE A 215 22.02 -0.93 4.72
CA ILE A 215 21.54 -0.04 5.78
C ILE A 215 21.72 1.43 5.40
N ALA A 216 22.88 1.78 4.87
CA ALA A 216 23.16 3.16 4.49
C ALA A 216 22.21 3.60 3.37
N TYR A 217 21.96 2.70 2.43
CA TYR A 217 21.03 3.00 1.33
C TYR A 217 19.61 3.22 1.86
N ALA A 218 19.12 2.30 2.68
CA ALA A 218 17.80 2.48 3.35
C ALA A 218 17.72 3.80 4.08
N ASN A 219 18.77 4.11 4.84
CA ASN A 219 18.77 5.36 5.60
C ASN A 219 18.84 6.60 4.71
N ASP A 220 19.54 6.51 3.58
N ASP A 220 19.56 6.52 3.59
CA ASP A 220 19.63 7.62 2.64
CA ASP A 220 19.63 7.63 2.63
C ASP A 220 18.26 7.89 2.01
C ASP A 220 18.26 7.89 2.01
N LEU A 221 17.55 6.82 1.63
CA LEU A 221 16.17 6.95 1.10
C LEU A 221 15.22 7.50 2.16
N ALA A 222 15.35 7.04 3.41
CA ALA A 222 14.52 7.60 4.48
C ALA A 222 14.79 9.10 4.67
N ARG A 223 16.05 9.51 4.61
N ARG A 223 16.06 9.50 4.60
CA ARG A 223 16.40 10.95 4.69
CA ARG A 223 16.49 10.91 4.65
C ARG A 223 15.75 11.76 3.55
C ARG A 223 15.78 11.75 3.55
N ILE A 224 15.83 11.24 2.32
CA ILE A 224 15.21 11.89 1.14
C ILE A 224 13.71 12.04 1.35
N VAL A 225 13.07 10.96 1.79
CA VAL A 225 11.62 10.99 1.98
C VAL A 225 11.21 12.00 3.08
N LYS A 226 11.92 11.96 4.21
CA LYS A 226 11.66 12.90 5.30
C LYS A 226 11.85 14.35 4.90
N SER A 227 12.77 14.61 3.98
CA SER A 227 13.08 15.99 3.56
C SER A 227 11.87 16.62 2.89
N HIS A 228 10.95 15.77 2.40
CA HIS A 228 9.71 16.27 1.76
C HIS A 228 8.52 16.14 2.69
N GLY A 229 8.79 15.99 4.00
CA GLY A 229 7.70 16.02 4.95
C GLY A 229 6.88 14.73 4.94
N LEU A 230 7.40 13.68 4.30
CA LEU A 230 6.67 12.43 4.19
C LEU A 230 7.24 11.43 5.21
N LYS A 231 6.43 10.49 5.66
CA LYS A 231 6.94 9.41 6.52
C LYS A 231 7.38 8.25 5.65
N PRO A 232 8.65 7.82 5.79
CA PRO A 232 9.08 6.65 5.00
C PRO A 232 8.55 5.34 5.58
N MET A 233 8.21 4.40 4.71
CA MET A 233 7.73 3.07 5.13
C MET A 233 8.52 2.04 4.36
N ALA A 234 8.74 0.85 4.95
CA ALA A 234 9.44 -0.20 4.23
C ALA A 234 9.00 -1.55 4.74
N PHE A 235 9.13 -2.56 3.88
CA PHE A 235 8.72 -3.92 4.25
C PHE A 235 9.77 -4.49 5.21
N ASN A 236 9.35 -5.41 6.08
CA ASN A 236 10.20 -5.81 7.21
C ASN A 236 11.39 -6.72 6.93
N ASP A 237 11.34 -7.49 5.85
CA ASP A 237 12.21 -8.68 5.83
C ASP A 237 13.72 -8.40 5.89
N GLY A 238 14.17 -7.30 5.31
CA GLY A 238 15.59 -6.97 5.39
C GLY A 238 16.01 -6.09 6.53
N ILE A 239 15.07 -5.74 7.40
N ILE A 239 15.06 -5.74 7.40
CA ILE A 239 15.34 -4.82 8.51
CA ILE A 239 15.32 -4.84 8.53
C ILE A 239 15.77 -5.65 9.74
C ILE A 239 15.78 -5.67 9.73
N TYR A 240 17.04 -5.49 10.12
CA TYR A 240 17.70 -6.37 11.13
C TYR A 240 17.50 -7.85 10.79
N TYR A 241 17.79 -8.22 9.55
CA TYR A 241 17.66 -9.61 9.13
C TYR A 241 18.52 -10.49 10.08
N ASN A 242 17.98 -11.66 10.43
CA ASN A 242 18.62 -12.58 11.39
C ASN A 242 18.79 -11.95 12.77
N SER A 243 17.93 -10.96 13.05
CA SER A 243 17.98 -10.17 14.28
C SER A 243 19.35 -9.55 14.55
N ASP A 244 20.11 -9.30 13.50
CA ASP A 244 21.48 -8.84 13.65
C ASP A 244 21.56 -7.30 13.64
N THR A 245 21.93 -6.74 14.80
CA THR A 245 21.99 -5.28 15.00
C THR A 245 23.41 -4.77 14.86
N SER A 246 24.34 -5.68 14.57
CA SER A 246 25.77 -5.36 14.59
C SER A 246 26.32 -4.62 13.35
N PHE A 247 25.54 -4.53 12.27
CA PHE A 247 25.99 -3.86 11.03
C PHE A 247 25.72 -2.36 10.98
N GLY A 248 24.88 -1.89 11.90
CA GLY A 248 24.40 -0.51 11.90
C GLY A 248 22.95 -0.45 12.33
N SER A 249 22.39 0.74 12.22
N SER A 249 22.37 0.74 12.29
CA SER A 249 21.04 0.99 12.72
CA SER A 249 21.00 0.87 12.74
C SER A 249 20.15 1.61 11.65
C SER A 249 20.12 1.62 11.74
N PHE A 250 18.96 1.05 11.48
CA PHE A 250 17.98 1.63 10.56
C PHE A 250 17.35 2.88 11.15
N ASP A 251 17.08 3.86 10.29
CA ASP A 251 16.34 5.07 10.69
C ASP A 251 15.02 4.69 11.38
N LYS A 252 14.85 5.13 12.64
CA LYS A 252 13.67 4.79 13.41
C LYS A 252 12.37 5.38 12.81
N ASP A 253 12.50 6.44 12.01
CA ASP A 253 11.33 7.04 11.37
C ASP A 253 10.79 6.20 10.21
N ILE A 254 11.48 5.10 9.86
CA ILE A 254 10.91 4.15 8.92
C ILE A 254 9.79 3.36 9.58
N ILE A 255 8.55 3.59 9.12
CA ILE A 255 7.42 2.72 9.52
C ILE A 255 7.66 1.35 8.90
N VAL A 256 7.50 0.28 9.68
CA VAL A 256 7.69 -1.06 9.15
C VAL A 256 6.36 -1.69 8.70
N SER A 257 6.27 -2.00 7.40
CA SER A 257 5.13 -2.81 6.92
C SER A 257 5.53 -4.27 7.20
N MET A 258 4.97 -4.83 8.26
CA MET A 258 5.32 -6.20 8.71
C MET A 258 4.47 -7.19 7.94
N TRP A 259 5.10 -7.86 6.99
CA TRP A 259 4.36 -8.71 6.03
C TRP A 259 4.64 -10.19 6.21
N THR A 260 5.82 -10.51 6.72
CA THR A 260 6.21 -11.92 6.84
C THR A 260 6.87 -12.22 8.19
N GLY A 261 6.53 -13.37 8.75
CA GLY A 261 7.30 -13.92 9.88
C GLY A 261 8.50 -14.75 9.47
N GLY A 262 8.76 -14.80 8.16
CA GLY A 262 9.85 -15.60 7.59
C GLY A 262 9.48 -17.06 7.43
N TRP A 263 10.48 -17.86 7.09
CA TRP A 263 10.23 -19.29 6.79
C TRP A 263 11.54 -20.04 6.95
N GLY A 264 11.57 -21.32 6.57
CA GLY A 264 12.78 -22.11 6.77
C GLY A 264 14.01 -21.50 6.13
N GLY A 265 15.01 -21.17 6.94
CA GLY A 265 16.24 -20.54 6.48
C GLY A 265 16.09 -19.07 6.04
N TYR A 266 14.96 -18.47 6.41
CA TYR A 266 14.73 -17.05 6.09
C TYR A 266 14.27 -16.43 7.40
N ASP A 267 15.27 -16.05 8.20
CA ASP A 267 15.09 -15.73 9.61
C ASP A 267 15.02 -14.24 9.79
N VAL A 268 13.80 -13.72 9.82
CA VAL A 268 13.62 -12.26 9.93
C VAL A 268 13.60 -11.82 11.39
N ALA A 269 13.88 -10.54 11.63
CA ALA A 269 13.67 -9.94 12.95
C ALA A 269 12.20 -10.11 13.37
N SER A 270 11.97 -10.38 14.65
CA SER A 270 10.60 -10.38 15.18
C SER A 270 10.04 -8.95 15.17
N SER A 271 8.71 -8.85 15.13
CA SER A 271 8.04 -7.57 15.27
C SER A 271 8.32 -7.00 16.67
N LYS A 272 8.56 -7.90 17.64
CA LYS A 272 8.98 -7.50 18.98
C LYS A 272 10.28 -6.69 18.94
N LEU A 273 11.31 -7.22 18.29
CA LEU A 273 12.59 -6.52 18.14
C LEU A 273 12.40 -5.17 17.41
N LEU A 274 11.61 -5.17 16.36
CA LEU A 274 11.45 -3.92 15.60
C LEU A 274 10.75 -2.81 16.40
N ALA A 275 9.72 -3.20 17.15
CA ALA A 275 9.03 -2.27 18.05
C ALA A 275 10.01 -1.75 19.12
N GLU A 276 10.80 -2.67 19.68
CA GLU A 276 11.85 -2.31 20.66
C GLU A 276 12.92 -1.35 20.13
N LYS A 277 13.24 -1.46 18.84
CA LYS A 277 14.23 -0.60 18.20
C LYS A 277 13.66 0.78 17.89
N GLY A 278 12.36 0.94 18.11
CA GLY A 278 11.65 2.25 17.97
C GLY A 278 10.84 2.45 16.70
N HIS A 279 10.53 1.37 15.99
CA HIS A 279 9.72 1.46 14.74
C HIS A 279 8.26 1.27 15.00
N GLN A 280 7.46 2.17 14.42
CA GLN A 280 6.00 1.92 14.30
C GLN A 280 5.75 0.86 13.25
N ILE A 281 4.66 0.13 13.39
CA ILE A 281 4.38 -1.04 12.56
C ILE A 281 2.98 -1.00 11.95
N LEU A 282 2.94 -1.15 10.64
CA LEU A 282 1.70 -1.41 9.90
C LEU A 282 1.59 -2.93 9.67
N ASN A 283 0.53 -3.55 10.22
CA ASN A 283 0.35 -4.98 10.07
C ASN A 283 -0.08 -5.30 8.65
N THR A 284 0.80 -5.98 7.91
CA THR A 284 0.58 -6.28 6.48
C THR A 284 0.66 -7.79 6.29
N ASN A 285 0.09 -8.49 7.26
CA ASN A 285 0.21 -9.93 7.36
C ASN A 285 -0.10 -10.67 6.03
N ASP A 286 0.85 -11.51 5.59
CA ASP A 286 0.63 -12.26 4.35
C ASP A 286 -0.47 -13.33 4.47
N ALA A 287 -1.00 -13.51 5.69
CA ALA A 287 -2.19 -14.36 5.85
C ALA A 287 -3.31 -13.95 4.91
N TRP A 288 -3.41 -12.64 4.63
CA TRP A 288 -4.56 -12.12 3.94
C TRP A 288 -4.38 -11.90 2.44
N TYR A 289 -3.23 -12.31 1.89
CA TYR A 289 -2.90 -11.99 0.49
C TYR A 289 -3.74 -12.70 -0.55
N TYR A 290 -3.93 -12.02 -1.67
CA TYR A 290 -4.50 -12.59 -2.88
C TYR A 290 -3.60 -12.20 -4.05
N VAL A 291 -3.08 -13.22 -4.74
CA VAL A 291 -2.36 -13.02 -6.01
C VAL A 291 -3.38 -13.21 -7.13
N LEU A 292 -3.55 -12.16 -7.94
CA LEU A 292 -4.59 -12.14 -9.01
C LEU A 292 -4.52 -13.38 -9.87
N GLY A 293 -5.69 -13.97 -10.16
CA GLY A 293 -5.74 -15.17 -10.98
C GLY A 293 -5.60 -16.48 -10.21
N ARG A 294 -5.06 -16.43 -9.00
CA ARG A 294 -5.04 -17.64 -8.17
C ARG A 294 -6.33 -17.57 -7.38
N ASN A 295 -7.39 -18.14 -7.97
CA ASN A 295 -8.74 -17.78 -7.57
C ASN A 295 -9.52 -18.76 -6.67
N ALA A 296 -8.91 -19.89 -6.37
CA ALA A 296 -9.55 -20.91 -5.55
C ALA A 296 -8.51 -21.84 -4.97
N ASP A 297 -8.94 -22.65 -4.01
CA ASP A 297 -8.06 -23.64 -3.42
C ASP A 297 -7.34 -24.46 -4.48
N GLY A 298 -6.07 -24.76 -4.24
CA GLY A 298 -5.28 -25.57 -5.18
C GLY A 298 -4.56 -24.74 -6.25
N GLN A 299 -4.94 -23.47 -6.42
CA GLN A 299 -4.39 -22.64 -7.52
C GLN A 299 -3.09 -21.89 -7.14
N GLY A 300 -2.54 -22.21 -5.97
CA GLY A 300 -1.19 -21.74 -5.63
C GLY A 300 -1.13 -20.90 -4.38
N TRP A 301 0.06 -20.41 -4.05
CA TRP A 301 0.22 -19.69 -2.81
C TRP A 301 -0.48 -18.35 -2.92
N TYR A 302 -1.12 -17.93 -1.82
CA TYR A 302 -1.91 -16.70 -1.75
C TYR A 302 -3.09 -16.71 -2.73
N ASN A 303 -3.70 -17.89 -2.90
CA ASN A 303 -4.94 -17.96 -3.68
C ASN A 303 -6.07 -17.34 -2.85
N LEU A 304 -7.15 -16.99 -3.54
CA LEU A 304 -8.21 -16.23 -2.91
C LEU A 304 -8.81 -17.01 -1.75
N ASP A 305 -8.94 -18.34 -1.86
CA ASP A 305 -9.55 -19.07 -0.74
C ASP A 305 -8.62 -19.06 0.47
N GLN A 306 -7.32 -19.19 0.21
CA GLN A 306 -6.33 -19.08 1.27
C GLN A 306 -6.40 -17.71 1.98
N GLY A 307 -6.46 -16.66 1.18
CA GLY A 307 -6.58 -15.28 1.70
C GLY A 307 -7.82 -15.10 2.54
N LEU A 308 -8.95 -15.61 2.03
CA LEU A 308 -10.19 -15.52 2.79
C LEU A 308 -10.09 -16.32 4.12
N ASN A 309 -9.45 -17.49 4.10
CA ASN A 309 -9.19 -18.22 5.34
C ASN A 309 -8.31 -17.43 6.29
N GLY A 310 -7.28 -16.80 5.75
CA GLY A 310 -6.36 -16.00 6.55
C GLY A 310 -7.13 -14.87 7.24
N ILE A 311 -8.00 -14.22 6.47
CA ILE A 311 -8.87 -13.16 7.01
C ILE A 311 -9.79 -13.66 8.15
N LYS A 312 -10.36 -14.83 7.95
CA LYS A 312 -11.23 -15.43 8.98
C LYS A 312 -10.49 -15.82 10.25
N ASN A 313 -9.24 -16.23 10.11
CA ASN A 313 -8.48 -16.81 11.22
C ASN A 313 -7.40 -15.97 11.87
N THR A 314 -7.04 -14.85 11.22
CA THR A 314 -5.94 -14.01 11.68
C THR A 314 -6.43 -12.57 11.73
N PRO A 315 -6.78 -12.11 12.95
CA PRO A 315 -7.41 -10.79 13.07
C PRO A 315 -6.42 -9.69 12.80
N ILE A 316 -6.93 -8.49 12.57
CA ILE A 316 -6.09 -7.36 12.18
C ILE A 316 -5.01 -7.05 13.22
N THR A 317 -5.23 -7.49 14.46
CA THR A 317 -4.28 -7.24 15.52
C THR A 317 -3.14 -8.25 15.62
N SER A 318 -3.22 -9.33 14.85
N SER A 318 -3.23 -9.32 14.84
CA SER A 318 -2.27 -10.43 14.91
CA SER A 318 -2.27 -10.42 14.88
C SER A 318 -1.14 -10.17 13.92
C SER A 318 -1.14 -10.15 13.91
N VAL A 319 0.01 -9.72 14.43
CA VAL A 319 1.17 -9.29 13.63
C VAL A 319 2.12 -10.46 13.44
N PRO A 320 2.79 -10.58 12.27
CA PRO A 320 3.75 -11.68 12.17
C PRO A 320 4.89 -11.64 13.21
N LYS A 321 5.25 -12.82 13.67
CA LYS A 321 6.42 -13.03 14.53
C LYS A 321 6.52 -12.12 15.75
N THR A 322 5.57 -12.26 16.67
CA THR A 322 5.54 -11.40 17.85
C THR A 322 6.47 -11.87 18.99
N GLU A 323 6.93 -13.11 18.92
CA GLU A 323 7.61 -13.75 20.06
C GLU A 323 6.72 -13.75 21.32
N GLY A 324 5.41 -13.73 21.14
CA GLY A 324 4.47 -13.73 22.27
C GLY A 324 4.25 -12.36 22.89
N ALA A 325 4.93 -11.35 22.37
CA ALA A 325 4.80 -10.00 22.89
C ALA A 325 3.54 -9.30 22.38
N ASP A 326 3.11 -8.27 23.10
N ASP A 326 3.18 -8.23 23.10
CA ASP A 326 1.98 -7.45 22.63
CA ASP A 326 2.12 -7.31 22.74
C ASP A 326 2.53 -6.31 21.77
C ASP A 326 2.71 -6.33 21.72
N ILE A 327 2.24 -6.39 20.47
CA ILE A 327 2.82 -5.50 19.44
C ILE A 327 1.77 -4.47 19.05
N PRO A 328 2.03 -3.17 19.35
CA PRO A 328 1.09 -2.12 18.95
C PRO A 328 1.15 -1.95 17.43
N ILE A 329 0.06 -1.46 16.84
CA ILE A 329 0.02 -1.30 15.38
C ILE A 329 -0.52 0.06 15.03
N ILE A 330 -0.12 0.58 13.88
CA ILE A 330 -0.76 1.80 13.37
C ILE A 330 -2.01 1.48 12.55
N GLY A 331 -2.15 0.21 12.20
CA GLY A 331 -3.31 -0.23 11.42
C GLY A 331 -3.00 -1.53 10.74
N GLY A 332 -3.89 -1.94 9.83
CA GLY A 332 -3.75 -3.22 9.11
C GLY A 332 -3.90 -2.98 7.62
N MET A 333 -3.19 -3.77 6.83
CA MET A 333 -3.22 -3.61 5.36
C MET A 333 -3.44 -4.96 4.69
N VAL A 334 -4.52 -5.07 3.91
CA VAL A 334 -4.80 -6.28 3.13
C VAL A 334 -4.31 -6.04 1.70
N ALA A 335 -3.56 -7.00 1.15
CA ALA A 335 -2.86 -6.73 -0.12
C ALA A 335 -3.22 -7.68 -1.23
N ALA A 336 -3.46 -7.11 -2.43
CA ALA A 336 -3.59 -7.88 -3.67
C ALA A 336 -2.36 -7.65 -4.54
N TRP A 337 -1.79 -8.74 -5.05
CA TRP A 337 -0.52 -8.71 -5.77
C TRP A 337 -0.71 -9.26 -7.17
N ALA A 338 0.20 -8.88 -8.07
CA ALA A 338 0.07 -9.26 -9.49
C ALA A 338 1.31 -10.00 -10.02
N ASP A 339 1.79 -10.94 -9.21
CA ASP A 339 2.98 -11.76 -9.51
C ASP A 339 2.96 -12.29 -10.94
N THR A 340 1.76 -12.66 -11.41
CA THR A 340 1.55 -13.09 -12.79
C THR A 340 0.71 -11.99 -13.41
N PRO A 341 1.37 -10.97 -13.96
CA PRO A 341 0.57 -9.79 -14.26
C PRO A 341 -0.35 -9.95 -15.47
N SER A 342 -0.14 -11.02 -16.25
CA SER A 342 -1.06 -11.30 -17.35
C SER A 342 -2.39 -11.90 -16.86
N ALA A 343 -2.47 -12.23 -15.56
CA ALA A 343 -3.74 -12.67 -14.97
C ALA A 343 -4.85 -11.62 -15.14
N ARG A 344 -6.08 -12.09 -15.31
CA ARG A 344 -7.22 -11.21 -15.38
C ARG A 344 -7.51 -10.63 -14.01
N TYR A 345 -7.55 -9.29 -13.96
CA TYR A 345 -8.00 -8.61 -12.75
C TYR A 345 -9.50 -8.73 -12.64
N SER A 346 -9.94 -9.28 -11.51
CA SER A 346 -11.33 -9.51 -11.20
C SER A 346 -11.77 -8.59 -10.07
N PRO A 347 -12.45 -7.48 -10.42
CA PRO A 347 -12.90 -6.59 -9.36
C PRO A 347 -13.77 -7.28 -8.29
N SER A 348 -14.69 -8.18 -8.70
CA SER A 348 -15.52 -8.83 -7.71
C SER A 348 -14.71 -9.64 -6.67
N ARG A 349 -13.65 -10.29 -7.10
CA ARG A 349 -12.82 -11.07 -6.19
C ARG A 349 -12.05 -10.16 -5.25
N LEU A 350 -11.51 -9.07 -5.79
CA LEU A 350 -10.80 -8.09 -4.93
C LEU A 350 -11.79 -7.51 -3.93
N PHE A 351 -12.97 -7.11 -4.40
CA PHE A 351 -13.99 -6.57 -3.47
C PHE A 351 -14.44 -7.57 -2.41
N LYS A 352 -14.52 -8.85 -2.78
CA LYS A 352 -14.82 -9.91 -1.78
C LYS A 352 -13.74 -9.96 -0.69
N LEU A 353 -12.48 -9.93 -1.11
CA LEU A 353 -11.34 -9.88 -0.17
C LEU A 353 -11.46 -8.66 0.74
N MET A 354 -11.71 -7.51 0.11
CA MET A 354 -11.83 -6.27 0.89
C MET A 354 -12.98 -6.31 1.88
N ARG A 355 -14.10 -6.86 1.44
CA ARG A 355 -15.31 -6.92 2.27
C ARG A 355 -15.11 -7.85 3.45
N HIS A 356 -14.50 -9.01 3.20
CA HIS A 356 -14.28 -10.00 4.25
C HIS A 356 -13.32 -9.44 5.30
N PHE A 357 -12.28 -8.72 4.87
CA PHE A 357 -11.34 -8.11 5.83
C PHE A 357 -12.07 -7.09 6.74
N ALA A 358 -12.93 -6.28 6.13
CA ALA A 358 -13.72 -5.31 6.92
C ALA A 358 -14.71 -6.01 7.87
N ASN A 359 -15.42 -7.02 7.37
CA ASN A 359 -16.37 -7.76 8.20
C ASN A 359 -15.73 -8.53 9.34
N ALA A 360 -14.58 -9.14 9.08
CA ALA A 360 -13.90 -9.89 10.12
C ALA A 360 -13.33 -9.02 11.24
N ASN A 361 -13.14 -7.72 10.96
CA ASN A 361 -12.55 -6.80 11.93
C ASN A 361 -13.45 -5.58 12.06
N ALA A 362 -14.76 -5.84 12.19
CA ALA A 362 -15.78 -4.82 11.98
C ALA A 362 -15.69 -3.67 12.97
N GLU A 363 -15.18 -3.91 14.17
CA GLU A 363 -15.03 -2.82 15.16
C GLU A 363 -13.97 -1.78 14.79
N TYR A 364 -13.10 -2.13 13.84
CA TYR A 364 -12.02 -1.26 13.37
C TYR A 364 -12.41 -0.39 12.19
N PHE A 365 -13.40 -0.84 11.44
CA PHE A 365 -13.73 -0.20 10.16
C PHE A 365 -14.86 0.78 10.36
N ALA A 366 -14.79 1.91 9.67
CA ALA A 366 -15.83 2.92 9.76
C ALA A 366 -17.17 2.41 9.19
N ALA A 367 -18.27 2.84 9.79
CA ALA A 367 -19.59 2.52 9.27
C ALA A 367 -19.81 3.34 7.99
N ASP A 368 -20.87 2.99 7.26
CA ASP A 368 -21.24 3.68 6.01
C ASP A 368 -22.42 4.62 6.26
N TYR A 369 -22.17 5.91 6.09
CA TYR A 369 -23.21 6.92 6.27
C TYR A 369 -23.77 7.45 4.94
N GLU A 370 -23.26 6.91 3.83
N GLU A 370 -23.28 6.96 3.80
CA GLU A 370 -23.63 7.35 2.47
CA GLU A 370 -23.71 7.53 2.51
C GLU A 370 -25.15 7.32 2.25
C GLU A 370 -25.21 7.36 2.25
N SER A 371 -25.77 6.19 2.60
CA SER A 371 -27.21 6.02 2.41
C SER A 371 -28.03 6.86 3.38
N ALA A 372 -27.48 7.12 4.57
CA ALA A 372 -28.19 8.00 5.51
C ALA A 372 -28.21 9.44 4.98
N GLU A 373 -27.06 9.88 4.46
N GLU A 373 -27.07 9.91 4.47
CA GLU A 373 -26.90 11.18 3.81
CA GLU A 373 -27.01 11.24 3.87
C GLU A 373 -27.90 11.33 2.65
C GLU A 373 -27.95 11.34 2.65
N GLN A 374 -28.01 10.30 1.82
CA GLN A 374 -28.95 10.32 0.68
C GLN A 374 -30.43 10.34 1.13
N ALA A 375 -30.75 9.53 2.14
CA ALA A 375 -32.09 9.53 2.72
C ALA A 375 -32.47 10.91 3.25
N LEU A 376 -31.50 11.59 3.87
CA LEU A 376 -31.76 12.92 4.34
C LEU A 376 -32.00 13.89 3.17
N ASN A 377 -31.24 13.73 2.08
CA ASN A 377 -31.49 14.53 0.87
C ASN A 377 -32.88 14.32 0.24
N GLU A 378 -33.45 13.13 0.45
CA GLU A 378 -34.71 12.73 -0.18
C GLU A 378 -35.95 13.08 0.65
N VAL A 379 -35.76 13.61 1.84
CA VAL A 379 -36.90 13.97 2.70
C VAL A 379 -37.59 15.21 2.08
N PRO A 380 -38.94 15.21 2.02
CA PRO A 380 -39.61 16.39 1.49
C PRO A 380 -39.31 17.59 2.38
N LYS A 381 -38.95 18.70 1.76
CA LYS A 381 -38.46 19.84 2.53
C LYS A 381 -39.58 20.58 3.25
N ASP A 382 -40.74 20.64 2.58
CA ASP A 382 -41.86 21.44 3.02
C ASP A 382 -42.95 20.50 3.49
N LEU A 383 -43.27 20.58 4.78
CA LEU A 383 -44.27 19.67 5.35
C LEU A 383 -45.60 20.31 5.77
N ASN A 384 -45.80 21.61 5.46
CA ASN A 384 -46.97 22.33 5.97
C ASN A 384 -48.32 21.71 5.62
N ARG A 385 -48.40 21.05 4.46
N ARG A 385 -48.40 21.06 4.46
CA ARG A 385 -49.65 20.49 3.99
CA ARG A 385 -49.67 20.51 4.00
C ARG A 385 -50.05 19.20 4.67
C ARG A 385 -50.05 19.20 4.67
N TYR A 386 -49.22 18.71 5.59
CA TYR A 386 -49.49 17.43 6.28
C TYR A 386 -49.94 17.65 7.70
N THR A 387 -50.60 16.64 8.28
CA THR A 387 -51.13 16.78 9.65
C THR A 387 -50.00 16.99 10.66
N ALA A 388 -50.28 17.72 11.74
CA ALA A 388 -49.26 18.02 12.75
C ALA A 388 -48.61 16.74 13.30
N GLU A 389 -49.44 15.74 13.64
N GLU A 389 -49.42 15.74 13.65
CA GLU A 389 -48.94 14.48 14.16
CA GLU A 389 -48.86 14.50 14.20
C GLU A 389 -47.91 13.82 13.22
C GLU A 389 -47.91 13.80 13.21
N SER A 390 -48.24 13.77 11.93
CA SER A 390 -47.38 13.09 10.94
C SER A 390 -46.12 13.89 10.68
N VAL A 391 -46.24 15.20 10.75
CA VAL A 391 -45.09 16.10 10.60
C VAL A 391 -44.10 15.91 11.74
N THR A 392 -44.62 15.90 12.98
CA THR A 392 -43.75 15.70 14.12
C THR A 392 -42.92 14.40 13.97
N ALA A 393 -43.57 13.32 13.54
CA ALA A 393 -42.89 12.02 13.40
C ALA A 393 -41.71 12.13 12.43
N VAL A 394 -41.92 12.78 11.30
CA VAL A 394 -40.83 12.98 10.33
C VAL A 394 -39.70 13.84 10.91
N LYS A 395 -40.04 15.00 11.48
CA LYS A 395 -39.02 15.85 12.08
C LYS A 395 -38.21 15.14 13.16
N GLU A 396 -38.86 14.33 14.00
CA GLU A 396 -38.16 13.59 15.05
C GLU A 396 -37.28 12.52 14.43
N ALA A 397 -37.77 11.88 13.36
CA ALA A 397 -36.98 10.84 12.70
C ALA A 397 -35.75 11.44 11.99
N GLU A 398 -35.90 12.60 11.37
CA GLU A 398 -34.74 13.28 10.74
C GLU A 398 -33.73 13.65 11.80
N LYS A 399 -34.21 14.25 12.88
CA LYS A 399 -33.40 14.65 14.02
C LYS A 399 -32.62 13.45 14.58
N ALA A 400 -33.26 12.30 14.67
CA ALA A 400 -32.60 11.07 15.16
C ALA A 400 -31.43 10.62 14.26
N ILE A 401 -31.62 10.66 12.94
CA ILE A 401 -30.49 10.35 12.04
C ILE A 401 -29.36 11.36 12.24
N ARG A 402 -29.70 12.65 12.22
CA ARG A 402 -28.68 13.67 12.40
C ARG A 402 -27.97 13.61 13.77
N SER A 403 -28.60 12.95 14.74
N SER A 403 -28.59 12.96 14.74
CA SER A 403 -28.04 12.84 16.07
CA SER A 403 -28.01 12.84 16.08
C SER A 403 -27.13 11.63 16.25
C SER A 403 -27.19 11.57 16.30
N LEU A 404 -27.13 10.70 15.28
CA LEU A 404 -26.27 9.50 15.34
C LEU A 404 -24.81 9.91 15.54
N ASP A 405 -24.11 9.17 16.39
CA ASP A 405 -22.66 9.29 16.54
C ASP A 405 -22.03 9.25 15.14
N SER A 406 -21.16 10.19 14.82
CA SER A 406 -20.53 10.22 13.49
C SER A 406 -19.32 9.30 13.39
N ASN A 407 -19.00 8.62 14.50
CA ASN A 407 -17.85 7.68 14.56
C ASN A 407 -18.28 6.28 14.92
N LEU A 408 -19.32 5.79 14.26
CA LEU A 408 -19.74 4.42 14.50
C LEU A 408 -18.86 3.49 13.66
N SER A 409 -18.67 2.28 14.16
CA SER A 409 -17.97 1.27 13.37
C SER A 409 -18.92 0.44 12.50
N ARG A 410 -18.33 -0.32 11.59
CA ARG A 410 -19.08 -1.20 10.71
C ARG A 410 -19.91 -2.23 11.52
N ALA A 411 -19.42 -2.60 12.71
CA ALA A 411 -20.12 -3.48 13.63
C ALA A 411 -21.47 -2.91 14.10
N GLN A 412 -21.61 -1.59 13.99
CA GLN A 412 -22.79 -0.88 14.46
C GLN A 412 -23.60 -0.36 13.29
N GLN A 413 -23.36 -0.90 12.10
CA GLN A 413 -24.12 -0.45 10.93
C GLN A 413 -25.64 -0.50 11.10
N ASP A 414 -26.15 -1.52 11.79
N ASP A 414 -26.14 -1.52 11.79
CA ASP A 414 -27.59 -1.69 11.91
CA ASP A 414 -27.58 -1.70 12.00
C ASP A 414 -28.27 -0.51 12.64
C ASP A 414 -28.24 -0.48 12.61
N THR A 415 -27.52 0.18 13.51
CA THR A 415 -28.06 1.39 14.17
C THR A 415 -28.39 2.44 13.11
N ILE A 416 -27.50 2.61 12.15
CA ILE A 416 -27.69 3.60 11.09
C ILE A 416 -28.84 3.14 10.20
N ASP A 417 -28.80 1.87 9.82
CA ASP A 417 -29.80 1.31 8.90
C ASP A 417 -31.21 1.38 9.48
N GLN A 418 -31.33 1.13 10.79
CA GLN A 418 -32.64 1.22 11.48
C GLN A 418 -33.16 2.65 11.47
N ALA A 419 -32.26 3.60 11.70
CA ALA A 419 -32.61 5.02 11.69
C ALA A 419 -33.10 5.47 10.31
N ILE A 420 -32.48 4.97 9.24
CA ILE A 420 -32.94 5.24 7.88
C ILE A 420 -34.33 4.65 7.64
N ALA A 421 -34.51 3.41 8.06
CA ALA A 421 -35.77 2.72 7.90
C ALA A 421 -36.88 3.47 8.66
N LYS A 422 -36.58 3.88 9.88
CA LYS A 422 -37.54 4.73 10.62
C LYS A 422 -37.95 6.02 9.87
N LEU A 423 -36.98 6.77 9.34
CA LEU A 423 -37.27 8.01 8.61
C LEU A 423 -38.17 7.70 7.42
N GLN A 424 -37.79 6.69 6.65
CA GLN A 424 -38.57 6.32 5.47
C GLN A 424 -40.03 5.95 5.81
N GLU A 425 -40.23 5.26 6.93
CA GLU A 425 -41.56 4.91 7.42
C GLU A 425 -42.35 6.16 7.79
N THR A 426 -41.71 7.09 8.51
CA THR A 426 -42.41 8.34 8.85
C THR A 426 -42.80 9.11 7.60
N VAL A 427 -41.90 9.17 6.62
CA VAL A 427 -42.19 9.91 5.38
C VAL A 427 -43.37 9.26 4.66
N ASN A 428 -43.37 7.93 4.58
CA ASN A 428 -44.50 7.18 3.99
C ASN A 428 -45.82 7.42 4.71
N ASN A 429 -45.74 7.69 6.01
CA ASN A 429 -46.93 7.92 6.84
C ASN A 429 -47.40 9.37 6.90
N LEU A 430 -46.73 10.28 6.18
CA LEU A 430 -47.22 11.65 6.10
C LEU A 430 -48.63 11.62 5.53
N THR A 431 -49.52 12.35 6.18
CA THR A 431 -50.92 12.36 5.82
C THR A 431 -51.35 13.78 5.51
N LEU A 432 -51.87 14.00 4.31
CA LEU A 432 -52.38 15.33 3.97
C LEU A 432 -53.50 15.77 4.90
N THR A 433 -53.48 17.05 5.27
N THR A 433 -53.48 17.04 5.32
CA THR A 433 -54.55 17.68 6.04
CA THR A 433 -54.56 17.56 6.14
C THR A 433 -55.90 17.55 5.30
C THR A 433 -55.86 17.49 5.34
N PRO A 434 -56.98 17.13 6.00
CA PRO A 434 -58.25 16.89 5.27
C PRO A 434 -58.85 18.09 4.51
O4 NGW B . 3.94 -10.04 -4.92
C4 NGW B . 4.74 -10.54 -3.85
C3 NGW B . 5.59 -9.41 -3.30
C5 NGW B . 3.79 -11.06 -2.73
O3 NGW B . 6.55 -9.01 -4.29
C2 NGW B . 6.38 -9.96 -2.09
N2 NGW B . 7.03 -8.90 -1.30
C1 NGW B . 5.52 -10.74 -1.05
C7 NGW B . 6.00 -8.15 -0.56
C8 NGW B . 6.58 -7.36 0.62
S1 NGW B . 4.74 -9.37 -0.11
O5 NGW B . 4.55 -11.60 -1.64
C6 NGW B . 2.81 -12.18 -3.13
O6 NGW B . 3.54 -13.27 -3.71
MG MG C . 14.51 -8.25 -18.84
MG MG D . 9.62 19.00 -1.03
C1 PE4 E . 31.05 -22.05 0.36
C2 PE4 E . 31.27 -21.17 -0.87
O2 PE4 E . 30.11 -21.10 -1.75
C3 PE4 E . 29.84 -19.79 -2.30
C4 PE4 E . 28.65 -19.91 -3.26
O3 PE4 E . 27.50 -20.44 -2.54
C5 PE4 E . 26.36 -20.59 -3.41
C6 PE4 E . 25.10 -20.82 -2.58
O4 PE4 E . 24.77 -19.74 -1.65
C7 PE4 E . 23.60 -20.11 -0.90
C8 PE4 E . 23.22 -18.95 0.02
O5 PE4 E . 24.37 -18.52 0.76
C9 PE4 E . 23.95 -17.73 1.85
C10 PE4 E . 25.21 -17.18 2.42
O6 PE4 E . 25.97 -18.26 2.95
C11 PE4 E . 26.62 -17.74 4.08
C12 PE4 E . 27.49 -18.80 4.68
O7 PE4 E . 26.75 -19.93 5.17
C13 PE4 E . 26.21 -19.81 6.50
C14 PE4 E . 25.74 -21.14 7.09
O8 PE4 E . 24.87 -21.80 6.13
C15 PE4 E . 23.54 -22.16 6.65
C16 PE4 E . 22.84 -23.08 5.63
C1 EDO F . 23.91 -13.37 14.91
O1 EDO F . 25.33 -13.35 14.72
C2 EDO F . 23.44 -12.09 15.59
O2 EDO F . 22.15 -12.29 16.19
C1 EDO G . -19.85 1.87 -3.77
O1 EDO G . -19.44 1.75 -5.14
C2 EDO G . -19.74 0.52 -3.08
O2 EDO G . -21.00 -0.19 -3.09
C1 EDO H . -15.63 13.54 3.09
O1 EDO H . -16.07 12.51 2.20
C2 EDO H . -15.07 12.86 4.34
O2 EDO H . -13.67 13.15 4.44
MG MG I . 17.46 16.83 -0.31
MG MG J . 3.85 19.28 10.41
#